data_2W3L
#
_entry.id   2W3L
#
_cell.length_a   68.000
_cell.length_b   68.320
_cell.length_c   70.670
_cell.angle_alpha   90.00
_cell.angle_beta   90.00
_cell.angle_gamma   90.00
#
_symmetry.space_group_name_H-M   'P 21 21 21'
#
loop_
_entity.id
_entity.type
_entity.pdbx_description
1 polymer 'APOPTOSIS REGULATOR BCL-2'
2 non-polymer 1-(2-{[(3S)-3-(aminomethyl)-3,4-dihydroisoquinolin-2(1H)-yl]carbonyl}phenyl)-4-chloro-5-methyl-N,N-diphenyl-1H-pyrazole-3-carboxamide
3 water water
#
_entity_poly.entity_id   1
_entity_poly.type   'polypeptide(L)'
_entity_poly.pdbx_seq_one_letter_code
;YDNREIVMKYIHYKLSQRGYEWDAGADSEVVHKTLREAGDDFSRRYRRDFAEMSSGLHLTPFTARGRFATVVEELFRDGV
NWGRIVAFFEFGGVMCVESVNREMSPLVDNIALWMTEYLNRHLHTWIQDNGGWDAFVELYGPSM
;
_entity_poly.pdbx_strand_id   A,B
#
# COMPACT_ATOMS: atom_id res chain seq x y z
N TYR A 1 -24.85 15.99 -7.13
CA TYR A 1 -24.31 15.06 -6.06
C TYR A 1 -25.34 14.03 -5.61
N ASP A 2 -24.86 12.81 -5.37
CA ASP A 2 -25.64 11.70 -4.84
C ASP A 2 -24.64 10.93 -3.98
N ASN A 3 -25.00 10.68 -2.72
CA ASN A 3 -24.08 10.10 -1.75
C ASN A 3 -23.61 8.70 -2.12
N ARG A 4 -24.53 7.89 -2.64
CA ARG A 4 -24.25 6.51 -3.07
C ARG A 4 -23.11 6.49 -4.11
N GLU A 5 -23.20 7.38 -5.09
CA GLU A 5 -22.19 7.55 -6.08
C GLU A 5 -20.85 8.03 -5.54
N ILE A 6 -20.86 8.97 -4.60
CA ILE A 6 -19.62 9.40 -3.94
C ILE A 6 -18.92 8.25 -3.14
N VAL A 7 -19.73 7.48 -2.40
CA VAL A 7 -19.24 6.30 -1.67
C VAL A 7 -18.70 5.24 -2.64
N MET A 8 -19.45 4.96 -3.71
CA MET A 8 -19.09 3.92 -4.69
C MET A 8 -17.76 4.22 -5.31
N LYS A 9 -17.59 5.47 -5.75
CA LYS A 9 -16.39 5.89 -6.47
C LYS A 9 -15.13 5.91 -5.60
N TYR A 10 -15.32 6.29 -4.36
CA TYR A 10 -14.28 6.30 -3.40
C TYR A 10 -13.76 4.88 -3.09
N ILE A 11 -14.69 3.98 -2.79
CA ILE A 11 -14.34 2.59 -2.50
C ILE A 11 -13.79 1.93 -3.76
N HIS A 12 -14.37 2.24 -4.92
CA HIS A 12 -13.91 1.60 -6.16
C HIS A 12 -12.42 1.87 -6.45
N TYR A 13 -12.01 3.11 -6.25
CA TYR A 13 -10.67 3.53 -6.49
C TYR A 13 -9.70 2.94 -5.48
N LYS A 14 -10.06 2.92 -4.20
CA LYS A 14 -9.26 2.25 -3.21
C LYS A 14 -9.05 0.79 -3.60
N LEU A 15 -10.10 0.12 -4.02
CA LEU A 15 -9.93 -1.29 -4.36
C LEU A 15 -9.22 -1.57 -5.68
N SER A 16 -9.52 -0.82 -6.74
CA SER A 16 -8.81 -0.97 -8.02
C SER A 16 -7.29 -0.82 -7.87
N GLN A 17 -6.84 0.04 -6.94
CA GLN A 17 -5.41 0.13 -6.63
C GLN A 17 -4.81 -1.19 -6.16
N ARG A 18 -5.62 -2.06 -5.56
CA ARG A 18 -5.16 -3.37 -5.10
C ARG A 18 -5.43 -4.47 -6.12
N GLY A 19 -5.79 -4.08 -7.35
CA GLY A 19 -6.01 -5.07 -8.41
C GLY A 19 -7.37 -5.74 -8.25
N TYR A 20 -8.22 -5.20 -7.38
CA TYR A 20 -9.52 -5.79 -7.18
C TYR A 20 -10.56 -4.95 -7.90
N GLU A 21 -11.15 -5.49 -8.96
CA GLU A 21 -12.12 -4.74 -9.75
C GLU A 21 -13.54 -4.98 -9.29
N TRP A 22 -14.02 -4.04 -8.47
CA TRP A 22 -15.24 -4.24 -7.77
C TRP A 22 -16.44 -3.90 -8.66
N ASP A 23 -17.45 -4.76 -8.63
CA ASP A 23 -18.70 -4.65 -9.34
C ASP A 23 -19.69 -3.49 -8.89
N ALA A 24 -19.39 -2.74 -7.84
CA ALA A 24 -20.32 -1.72 -7.25
C ALA A 24 -21.66 -2.32 -6.83
N SER A 28 -20.48 14.63 -9.73
CA SER A 28 -19.45 15.60 -10.11
C SER A 28 -18.08 14.99 -9.97
N GLU A 29 -17.22 15.14 -10.99
CA GLU A 29 -15.88 14.58 -10.92
C GLU A 29 -14.87 15.31 -10.01
N VAL A 30 -14.93 16.64 -9.92
CA VAL A 30 -14.16 17.42 -8.92
C VAL A 30 -14.35 16.90 -7.49
N VAL A 31 -15.58 16.56 -7.12
CA VAL A 31 -15.92 16.06 -5.79
C VAL A 31 -15.16 14.75 -5.53
N HIS A 32 -15.20 13.84 -6.49
CA HIS A 32 -14.55 12.52 -6.35
C HIS A 32 -13.05 12.66 -6.18
N LYS A 33 -12.42 13.47 -7.03
CA LYS A 33 -10.97 13.71 -6.92
C LYS A 33 -10.54 14.47 -5.65
N THR A 34 -11.37 15.41 -5.22
CA THR A 34 -11.05 16.19 -4.04
C THR A 34 -11.14 15.33 -2.75
N LEU A 35 -12.16 14.48 -2.69
CA LEU A 35 -12.29 13.58 -1.54
C LEU A 35 -11.14 12.53 -1.47
N ARG A 36 -10.74 12.04 -2.62
CA ARG A 36 -9.63 11.13 -2.78
C ARG A 36 -8.35 11.74 -2.27
N GLU A 37 -8.06 12.96 -2.71
CA GLU A 37 -6.87 13.64 -2.18
C GLU A 37 -7.03 13.94 -0.67
N ALA A 38 -8.21 14.40 -0.23
CA ALA A 38 -8.44 14.60 1.22
C ALA A 38 -8.18 13.31 2.03
N GLY A 39 -8.73 12.21 1.54
CA GLY A 39 -8.53 10.84 2.06
C GLY A 39 -7.08 10.40 2.16
N ASP A 40 -6.36 10.53 1.06
CA ASP A 40 -4.90 10.33 1.03
C ASP A 40 -4.10 11.24 1.99
N ASP A 41 -4.44 12.53 2.07
CA ASP A 41 -3.75 13.40 3.02
C ASP A 41 -3.99 12.90 4.42
N PHE A 42 -5.23 12.51 4.70
CA PHE A 42 -5.60 11.98 6.00
C PHE A 42 -4.81 10.72 6.37
N SER A 43 -4.76 9.71 5.51
CA SER A 43 -4.02 8.49 5.89
C SER A 43 -2.51 8.69 5.99
N ARG A 44 -1.97 9.63 5.22
CA ARG A 44 -0.59 10.10 5.44
C ARG A 44 -0.35 10.75 6.79
N ARG A 45 -1.26 11.63 7.21
CA ARG A 45 -1.14 12.36 8.49
C ARG A 45 -1.18 11.41 9.70
N TYR A 46 -1.97 10.33 9.59
CA TYR A 46 -2.11 9.30 10.64
C TYR A 46 -1.57 7.93 10.19
N ARG A 47 -0.45 7.93 9.47
CA ARG A 47 0.08 6.72 8.83
C ARG A 47 0.38 5.57 9.83
N ARG A 48 1.06 5.89 10.95
CA ARG A 48 1.32 4.84 11.96
C ARG A 48 0.06 4.41 12.69
N ASP A 49 -0.81 5.36 13.02
CA ASP A 49 -2.07 5.03 13.67
C ASP A 49 -2.94 4.15 12.78
N PHE A 50 -2.92 4.36 11.46
CA PHE A 50 -3.67 3.50 10.53
C PHE A 50 -3.08 2.10 10.52
N ALA A 51 -1.75 2.04 10.57
CA ALA A 51 -1.02 0.77 10.64
C ALA A 51 -1.36 0.02 11.92
N GLU A 52 -1.50 0.74 13.02
CA GLU A 52 -1.88 0.14 14.32
C GLU A 52 -3.32 -0.33 14.40
N MET A 53 -4.23 0.42 13.77
CA MET A 53 -5.65 0.04 13.70
C MET A 53 -5.90 -1.23 12.86
N SER A 54 -5.25 -1.35 11.70
CA SER A 54 -5.31 -2.59 10.91
C SER A 54 -4.77 -3.77 11.72
N SER A 55 -3.50 -3.69 12.10
CA SER A 55 -2.94 -4.63 13.07
C SER A 55 -3.74 -4.61 14.39
N GLY A 56 -5.02 -4.97 14.32
CA GLY A 56 -5.87 -4.90 15.51
C GLY A 56 -7.35 -4.83 15.21
N LEU A 57 -7.72 -4.98 13.94
CA LEU A 57 -9.10 -4.78 13.50
C LEU A 57 -10.05 -5.97 13.75
N HIS A 58 -9.48 -7.16 13.88
CA HIS A 58 -10.29 -8.38 14.08
C HIS A 58 -11.59 -8.44 13.26
N LEU A 59 -11.49 -8.22 11.96
CA LEU A 59 -12.66 -8.11 11.11
C LEU A 59 -13.19 -9.48 10.63
N THR A 60 -14.47 -9.77 10.84
CA THR A 60 -15.09 -10.95 10.20
C THR A 60 -16.51 -10.55 9.81
N PRO A 61 -17.20 -11.40 9.02
CA PRO A 61 -18.63 -11.09 8.78
C PRO A 61 -19.54 -11.03 10.01
N PHE A 62 -19.10 -11.59 11.15
CA PHE A 62 -19.91 -11.56 12.40
C PHE A 62 -19.71 -10.28 13.16
N THR A 63 -18.59 -9.62 12.91
CA THR A 63 -18.35 -8.37 13.60
C THR A 63 -18.44 -7.09 12.76
N ALA A 64 -18.47 -7.16 11.41
CA ALA A 64 -18.25 -5.96 10.53
C ALA A 64 -19.22 -4.82 10.81
N ARG A 65 -20.52 -5.15 10.83
CA ARG A 65 -21.54 -4.19 11.20
C ARG A 65 -21.38 -3.52 12.56
N GLY A 66 -21.09 -4.32 13.58
CA GLY A 66 -20.85 -3.78 14.93
C GLY A 66 -19.63 -2.91 14.98
N ARG A 67 -18.55 -3.29 14.30
CA ARG A 67 -17.34 -2.44 14.28
C ARG A 67 -17.67 -1.10 13.62
N PHE A 68 -18.37 -1.16 12.48
CA PHE A 68 -18.79 0.02 11.75
C PHE A 68 -19.64 0.93 12.66
N ALA A 69 -20.72 0.38 13.22
CA ALA A 69 -21.67 1.14 14.04
C ALA A 69 -21.01 1.82 15.24
N THR A 70 -20.16 1.09 15.96
CA THR A 70 -19.50 1.70 17.11
C THR A 70 -18.46 2.75 16.74
N VAL A 71 -17.60 2.47 15.75
CA VAL A 71 -16.67 3.47 15.29
C VAL A 71 -17.37 4.77 14.77
N VAL A 72 -18.40 4.62 13.95
CA VAL A 72 -19.04 5.78 13.34
C VAL A 72 -19.74 6.62 14.44
N GLU A 73 -20.50 5.97 15.31
CA GLU A 73 -21.00 6.64 16.50
C GLU A 73 -19.93 7.39 17.34
N GLU A 74 -18.75 6.80 17.62
CA GLU A 74 -17.66 7.51 18.34
C GLU A 74 -17.12 8.71 17.57
N LEU A 75 -16.87 8.51 16.28
CA LEU A 75 -16.37 9.53 15.38
C LEU A 75 -17.17 10.84 15.41
N PHE A 76 -18.48 10.74 15.37
CA PHE A 76 -19.33 11.94 15.34
C PHE A 76 -19.99 12.29 16.67
N ARG A 77 -19.52 11.65 17.75
CA ARG A 77 -20.09 11.86 19.10
C ARG A 77 -20.07 13.33 19.52
N ASP A 78 -18.95 14.00 19.30
CA ASP A 78 -18.79 15.45 19.61
C ASP A 78 -19.19 16.34 18.41
N GLY A 79 -20.05 15.84 17.52
CA GLY A 79 -20.50 16.61 16.39
C GLY A 79 -19.74 16.31 15.10
N VAL A 80 -20.11 17.05 14.06
CA VAL A 80 -19.62 16.85 12.71
C VAL A 80 -18.71 18.00 12.30
N ASN A 81 -17.69 17.68 11.52
CA ASN A 81 -16.93 18.67 10.74
C ASN A 81 -16.42 17.95 9.50
N TRP A 82 -15.99 18.72 8.51
CA TRP A 82 -15.47 18.15 7.29
C TRP A 82 -14.31 17.19 7.53
N GLY A 83 -13.44 17.49 8.50
CA GLY A 83 -12.32 16.57 8.79
C GLY A 83 -12.76 15.18 9.26
N ARG A 84 -13.85 15.14 10.01
CA ARG A 84 -14.44 13.93 10.52
C ARG A 84 -15.25 13.16 9.47
N ILE A 85 -15.87 13.87 8.53
CA ILE A 85 -16.43 13.25 7.31
C ILE A 85 -15.33 12.62 6.45
N VAL A 86 -14.18 13.29 6.31
CA VAL A 86 -12.99 12.69 5.68
C VAL A 86 -12.53 11.39 6.39
N ALA A 87 -12.46 11.43 7.72
CA ALA A 87 -12.11 10.25 8.52
C ALA A 87 -13.13 9.13 8.37
N PHE A 88 -14.41 9.49 8.33
CA PHE A 88 -15.48 8.55 8.01
C PHE A 88 -15.22 7.78 6.71
N PHE A 89 -14.94 8.51 5.63
CA PHE A 89 -14.69 7.86 4.33
C PHE A 89 -13.49 6.99 4.40
N GLU A 90 -12.43 7.53 4.99
CA GLU A 90 -11.19 6.77 5.24
C GLU A 90 -11.36 5.49 6.05
N PHE A 91 -12.19 5.55 7.10
CA PHE A 91 -12.47 4.35 7.87
C PHE A 91 -13.21 3.31 7.04
N GLY A 92 -14.24 3.75 6.32
CA GLY A 92 -15.01 2.83 5.49
C GLY A 92 -14.08 2.17 4.47
N GLY A 93 -13.16 2.95 3.91
CA GLY A 93 -12.12 2.47 2.96
C GLY A 93 -11.16 1.46 3.56
N VAL A 94 -10.72 1.70 4.80
CA VAL A 94 -9.91 0.76 5.56
C VAL A 94 -10.66 -0.57 5.79
N MET A 95 -11.93 -0.48 6.16
CA MET A 95 -12.78 -1.65 6.32
C MET A 95 -12.92 -2.44 5.01
N CYS A 96 -13.13 -1.76 3.89
CA CYS A 96 -13.29 -2.43 2.61
C CYS A 96 -11.99 -3.13 2.24
N VAL A 97 -10.89 -2.42 2.42
CA VAL A 97 -9.56 -2.89 2.05
C VAL A 97 -9.13 -4.10 2.90
N GLU A 98 -9.38 -4.03 4.20
CA GLU A 98 -9.14 -5.16 5.08
C GLU A 98 -10.04 -6.34 4.80
N SER A 99 -11.30 -6.11 4.45
CA SER A 99 -12.16 -7.14 3.93
C SER A 99 -11.54 -7.88 2.74
N VAL A 100 -11.02 -7.13 1.77
CA VAL A 100 -10.46 -7.74 0.58
C VAL A 100 -9.17 -8.48 0.94
N ASN A 101 -8.34 -7.88 1.79
CA ASN A 101 -7.08 -8.52 2.23
C ASN A 101 -7.27 -9.81 3.02
N ARG A 102 -8.43 -9.95 3.69
CA ARG A 102 -8.73 -11.16 4.45
C ARG A 102 -9.60 -12.15 3.69
N GLU A 103 -9.84 -11.92 2.40
CA GLU A 103 -10.64 -12.81 1.57
C GLU A 103 -12.07 -12.84 2.00
N MET A 104 -12.54 -11.68 2.44
CA MET A 104 -13.91 -11.45 2.88
C MET A 104 -14.53 -10.41 2.02
N SER A 105 -14.16 -10.40 0.74
CA SER A 105 -14.41 -9.25 -0.08
C SER A 105 -15.91 -9.03 -0.36
N PRO A 106 -16.77 -10.09 -0.23
CA PRO A 106 -18.20 -9.71 -0.30
C PRO A 106 -18.69 -8.63 0.71
N LEU A 107 -18.02 -8.51 1.84
CA LEU A 107 -18.36 -7.48 2.86
C LEU A 107 -18.27 -6.03 2.34
N VAL A 108 -17.49 -5.81 1.29
CA VAL A 108 -17.40 -4.49 0.61
C VAL A 108 -18.77 -3.92 0.24
N ASP A 109 -19.65 -4.75 -0.32
CA ASP A 109 -21.00 -4.32 -0.63
C ASP A 109 -21.78 -3.87 0.60
N ASN A 110 -21.67 -4.64 1.68
CA ASN A 110 -22.35 -4.29 2.93
C ASN A 110 -21.86 -2.98 3.42
N ILE A 111 -20.55 -2.80 3.41
CA ILE A 111 -19.89 -1.60 3.92
C ILE A 111 -20.29 -0.35 3.10
N ALA A 112 -20.29 -0.46 1.77
CA ALA A 112 -20.71 0.68 0.96
C ALA A 112 -22.17 1.07 1.24
N LEU A 113 -23.03 0.08 1.40
CA LEU A 113 -24.41 0.30 1.79
C LEU A 113 -24.54 1.02 3.16
N TRP A 114 -23.82 0.56 4.20
CA TRP A 114 -23.84 1.22 5.54
C TRP A 114 -23.30 2.64 5.47
N MET A 115 -22.30 2.89 4.61
CA MET A 115 -21.78 4.25 4.43
C MET A 115 -22.78 5.16 3.77
N THR A 116 -23.37 4.68 2.70
CA THR A 116 -24.40 5.42 1.96
C THR A 116 -25.59 5.79 2.83
N GLU A 117 -26.10 4.78 3.58
CA GLU A 117 -27.15 4.95 4.60
C GLU A 117 -26.87 5.97 5.66
N TYR A 118 -25.72 5.86 6.29
CA TYR A 118 -25.32 6.83 7.29
C TYR A 118 -25.22 8.27 6.76
N LEU A 119 -24.67 8.43 5.55
CA LEU A 119 -24.60 9.75 4.92
C LEU A 119 -26.00 10.31 4.65
N ASN A 120 -26.89 9.47 4.15
CA ASN A 120 -28.22 9.92 3.78
C ASN A 120 -29.14 10.14 4.99
N ARG A 121 -29.02 9.29 6.01
CA ARG A 121 -29.85 9.36 7.21
C ARG A 121 -29.30 10.25 8.30
N HIS A 122 -27.98 10.28 8.49
CA HIS A 122 -27.42 11.08 9.57
C HIS A 122 -26.50 12.27 9.22
N LEU A 123 -25.91 12.30 8.04
CA LEU A 123 -25.03 13.44 7.69
C LEU A 123 -25.69 14.48 6.79
N HIS A 124 -26.89 14.20 6.31
CA HIS A 124 -27.44 14.98 5.25
C HIS A 124 -27.68 16.41 5.65
N THR A 125 -28.14 16.63 6.86
CA THR A 125 -28.58 17.94 7.27
C THR A 125 -27.35 18.79 7.49
N TRP A 126 -26.30 18.20 8.04
CA TRP A 126 -25.14 18.97 8.37
C TRP A 126 -24.45 19.35 7.05
N ILE A 127 -24.28 18.37 6.14
CA ILE A 127 -23.69 18.64 4.82
C ILE A 127 -24.48 19.72 4.08
N GLN A 128 -25.78 19.55 4.05
CA GLN A 128 -26.62 20.47 3.33
C GLN A 128 -26.52 21.90 3.89
N ASP A 129 -26.60 22.03 5.22
CA ASP A 129 -26.48 23.31 5.90
C ASP A 129 -25.13 23.95 5.80
N ASN A 130 -24.12 23.16 5.45
CA ASN A 130 -22.81 23.70 5.19
C ASN A 130 -22.64 24.16 3.77
N GLY A 131 -23.72 24.14 2.99
CA GLY A 131 -23.65 24.38 1.56
C GLY A 131 -23.43 23.16 0.67
N GLY A 132 -23.44 21.96 1.24
CA GLY A 132 -23.34 20.78 0.34
C GLY A 132 -21.92 20.48 -0.03
N TRP A 133 -21.73 19.51 -0.91
CA TRP A 133 -20.40 19.15 -1.42
C TRP A 133 -19.57 20.23 -2.14
N ASP A 134 -20.18 21.25 -2.76
CA ASP A 134 -19.42 22.43 -3.26
C ASP A 134 -18.56 23.06 -2.18
N ALA A 135 -19.09 23.08 -0.96
CA ALA A 135 -18.34 23.70 0.16
C ALA A 135 -17.07 22.92 0.51
N PHE A 136 -17.18 21.60 0.45
CA PHE A 136 -16.05 20.71 0.67
C PHE A 136 -14.99 20.93 -0.42
N VAL A 137 -15.45 20.93 -1.67
CA VAL A 137 -14.61 21.24 -2.84
C VAL A 137 -13.84 22.55 -2.69
N GLU A 138 -14.53 23.63 -2.27
CA GLU A 138 -13.91 24.92 -2.09
C GLU A 138 -12.89 24.89 -0.92
N LEU A 139 -13.27 24.25 0.19
CA LEU A 139 -12.40 24.14 1.36
C LEU A 139 -11.12 23.38 1.08
N TYR A 140 -11.24 22.25 0.38
CA TYR A 140 -10.12 21.34 0.14
C TYR A 140 -9.49 21.55 -1.25
N GLY A 141 -9.83 22.66 -1.90
CA GLY A 141 -9.19 23.07 -3.16
C GLY A 141 -7.73 23.50 -3.00
N PRO A 142 -7.42 24.32 -1.95
CA PRO A 142 -6.02 24.75 -1.75
C PRO A 142 -5.00 23.64 -1.52
N SER A 143 -5.47 22.44 -1.16
CA SER A 143 -4.60 21.26 -1.03
C SER A 143 -4.75 20.33 -2.25
N MET A 144 -5.37 20.87 -3.29
CA MET A 144 -5.51 20.18 -4.56
C MET A 144 -4.70 20.91 -5.62
N TYR B 1 24.28 -10.13 10.55
CA TYR B 1 23.35 -10.56 9.42
C TYR B 1 23.87 -10.19 8.03
N ASP B 2 24.16 -11.21 7.22
CA ASP B 2 24.69 -11.06 5.88
C ASP B 2 23.64 -10.52 4.87
N ASN B 3 23.91 -9.35 4.30
CA ASN B 3 23.02 -8.68 3.35
C ASN B 3 22.95 -9.41 2.01
N ARG B 4 24.08 -9.97 1.59
CA ARG B 4 24.19 -10.75 0.34
C ARG B 4 23.29 -11.97 0.40
N GLU B 5 23.28 -12.67 1.52
CA GLU B 5 22.40 -13.82 1.66
C GLU B 5 20.94 -13.46 1.71
N ILE B 6 20.62 -12.33 2.38
CA ILE B 6 19.23 -11.83 2.39
C ILE B 6 18.77 -11.50 0.95
N VAL B 7 19.62 -10.81 0.19
CA VAL B 7 19.36 -10.49 -1.23
C VAL B 7 19.19 -11.78 -2.07
N MET B 8 20.16 -12.68 -1.96
CA MET B 8 20.10 -13.93 -2.72
C MET B 8 18.85 -14.76 -2.48
N LYS B 9 18.46 -14.94 -1.21
CA LYS B 9 17.30 -15.77 -0.85
C LYS B 9 15.98 -15.12 -1.26
N TYR B 10 15.91 -13.80 -1.15
CA TYR B 10 14.75 -13.06 -1.63
C TYR B 10 14.53 -13.31 -3.12
N ILE B 11 15.56 -13.03 -3.91
CA ILE B 11 15.52 -13.13 -5.40
C ILE B 11 15.30 -14.55 -5.84
N HIS B 12 16.01 -15.44 -5.18
CA HIS B 12 15.92 -16.88 -5.54
C HIS B 12 14.51 -17.43 -5.39
N TYR B 13 13.84 -17.08 -4.32
CA TYR B 13 12.49 -17.51 -4.11
C TYR B 13 11.54 -16.86 -5.11
N LYS B 14 11.71 -15.56 -5.38
CA LYS B 14 10.89 -14.89 -6.38
C LYS B 14 11.08 -15.53 -7.77
N LEU B 15 12.30 -15.90 -8.10
CA LEU B 15 12.55 -16.55 -9.39
C LEU B 15 12.05 -18.00 -9.46
N SER B 16 12.21 -18.77 -8.38
CA SER B 16 11.77 -20.17 -8.35
C SER B 16 10.25 -20.25 -8.54
N GLN B 17 9.52 -19.22 -8.06
CA GLN B 17 8.08 -19.07 -8.33
C GLN B 17 7.71 -19.04 -9.82
N ARG B 18 8.65 -18.64 -10.67
CA ARG B 18 8.41 -18.59 -12.12
C ARG B 18 9.04 -19.77 -12.87
N GLY B 19 9.51 -20.77 -12.12
CA GLY B 19 10.14 -21.96 -12.72
C GLY B 19 11.57 -21.71 -13.18
N TYR B 20 12.13 -20.59 -12.76
CA TYR B 20 13.50 -20.28 -13.14
C TYR B 20 14.41 -20.69 -12.00
N GLU B 21 15.29 -21.68 -12.22
CA GLU B 21 16.12 -22.15 -11.12
C GLU B 21 17.46 -21.44 -11.16
N TRP B 22 17.55 -20.35 -10.41
CA TRP B 22 18.69 -19.45 -10.47
C TRP B 22 19.85 -20.05 -9.66
N ASP B 23 21.07 -19.95 -10.18
CA ASP B 23 22.22 -20.50 -9.49
C ASP B 23 22.77 -19.61 -8.34
N ALA B 24 22.01 -18.60 -7.94
CA ALA B 24 22.42 -17.58 -6.93
C ALA B 24 23.70 -16.85 -7.33
N GLY B 25 23.97 -16.86 -8.64
CA GLY B 25 25.14 -16.18 -9.17
C GLY B 25 26.43 -16.92 -8.91
N ALA B 26 26.35 -18.22 -8.61
CA ALA B 26 27.56 -19.01 -8.27
C ALA B 26 28.57 -18.96 -9.39
N ASP B 27 28.03 -18.77 -10.59
CA ASP B 27 28.71 -18.35 -11.81
C ASP B 27 29.87 -17.35 -11.75
N SER B 28 17.90 -15.34 11.08
CA SER B 28 18.32 -15.71 9.74
C SER B 28 17.16 -16.33 8.95
N GLU B 29 16.90 -17.63 9.07
CA GLU B 29 15.72 -18.17 8.34
C GLU B 29 14.41 -17.39 8.63
N VAL B 30 14.22 -16.97 9.89
CA VAL B 30 13.18 -16.02 10.25
C VAL B 30 13.23 -14.70 9.42
N VAL B 31 14.40 -14.12 9.27
CA VAL B 31 14.52 -12.87 8.47
C VAL B 31 14.03 -13.04 7.04
N HIS B 32 14.36 -14.16 6.39
CA HIS B 32 14.04 -14.38 4.96
C HIS B 32 12.55 -14.49 4.76
N LYS B 33 11.91 -15.30 5.59
CA LYS B 33 10.47 -15.44 5.59
C LYS B 33 9.68 -14.17 5.92
N THR B 34 10.18 -13.36 6.85
CA THR B 34 9.58 -12.09 7.24
C THR B 34 9.64 -11.08 6.08
N LEU B 35 10.80 -10.97 5.48
CA LEU B 35 10.98 -10.14 4.28
C LEU B 35 10.08 -10.58 3.10
N ARG B 36 9.95 -11.88 2.89
CA ARG B 36 9.06 -12.43 1.84
C ARG B 36 7.60 -12.00 2.07
N GLU B 37 7.09 -12.18 3.30
CA GLU B 37 5.75 -11.69 3.65
C GLU B 37 5.59 -10.17 3.51
N ALA B 38 6.53 -9.41 4.06
CA ALA B 38 6.58 -7.94 3.85
C ALA B 38 6.57 -7.56 2.35
N GLY B 39 7.32 -8.27 1.51
CA GLY B 39 7.36 -8.01 0.04
C GLY B 39 6.02 -8.30 -0.65
N ASP B 40 5.43 -9.44 -0.33
CA ASP B 40 4.11 -9.81 -0.82
C ASP B 40 3.01 -8.84 -0.37
N ASP B 41 3.00 -8.46 0.89
CA ASP B 41 2.08 -7.40 1.32
C ASP B 41 2.29 -6.10 0.55
N PHE B 42 3.54 -5.80 0.22
CA PHE B 42 3.86 -4.53 -0.45
C PHE B 42 3.32 -4.55 -1.87
N SER B 43 3.54 -5.66 -2.59
CA SER B 43 3.01 -5.76 -3.94
C SER B 43 1.49 -5.93 -4.02
N ARG B 44 0.88 -6.54 -2.99
CA ARG B 44 -0.59 -6.60 -2.87
C ARG B 44 -1.16 -5.22 -2.72
N ARG B 45 -0.55 -4.40 -1.86
CA ARG B 45 -1.00 -3.01 -1.63
C ARG B 45 -0.93 -2.14 -2.92
N TYR B 46 0.08 -2.36 -3.76
CA TYR B 46 0.31 -1.57 -4.97
C TYR B 46 0.23 -2.41 -6.24
N ARG B 47 -0.67 -3.37 -6.26
CA ARG B 47 -0.77 -4.32 -7.35
C ARG B 47 -0.99 -3.67 -8.71
N ARG B 48 -1.90 -2.71 -8.80
CA ARG B 48 -2.16 -2.02 -10.07
C ARG B 48 -0.92 -1.18 -10.48
N ASP B 49 -0.35 -0.47 -9.52
CA ASP B 49 0.86 0.27 -9.75
C ASP B 49 2.00 -0.67 -10.24
N PHE B 50 2.11 -1.87 -9.66
CA PHE B 50 3.11 -2.87 -10.08
C PHE B 50 2.86 -3.45 -11.46
N ALA B 51 1.58 -3.69 -11.78
CA ALA B 51 1.18 -4.08 -13.14
C ALA B 51 1.56 -2.99 -14.15
N GLU B 52 1.23 -1.75 -13.83
CA GLU B 52 1.48 -0.62 -14.73
C GLU B 52 2.96 -0.30 -14.95
N MET B 53 3.77 -0.33 -13.90
CA MET B 53 5.21 -0.14 -14.04
C MET B 53 5.91 -1.29 -14.79
N SER B 54 5.34 -2.51 -14.73
CA SER B 54 5.91 -3.71 -15.36
C SER B 54 6.03 -3.65 -16.87
N SER B 55 4.97 -3.20 -17.53
CA SER B 55 4.94 -3.13 -18.99
C SER B 55 4.79 -1.68 -19.40
N GLY B 56 5.45 -0.84 -18.61
CA GLY B 56 5.72 0.55 -18.91
C GLY B 56 7.24 0.53 -18.84
N LEU B 57 7.77 -0.59 -18.34
CA LEU B 57 9.19 -0.77 -18.12
C LEU B 57 9.88 -1.08 -19.45
N HIS B 58 11.03 -0.46 -19.63
CA HIS B 58 11.83 -0.69 -20.82
C HIS B 58 13.15 -1.14 -20.24
N LEU B 59 13.47 -2.43 -20.39
CA LEU B 59 14.57 -3.00 -19.64
C LEU B 59 15.49 -3.69 -20.60
N THR B 60 16.77 -3.31 -20.54
CA THR B 60 17.78 -3.82 -21.45
C THR B 60 19.13 -3.93 -20.69
N PRO B 61 20.10 -4.75 -21.17
CA PRO B 61 21.44 -4.60 -20.57
C PRO B 61 22.05 -3.20 -20.63
N PHE B 62 21.63 -2.35 -21.58
CA PHE B 62 22.12 -0.98 -21.72
C PHE B 62 21.51 0.00 -20.77
N THR B 63 20.36 -0.35 -20.21
CA THR B 63 19.71 0.57 -19.28
C THR B 63 19.59 0.09 -17.82
N ALA B 64 19.78 -1.21 -17.55
CA ALA B 64 19.35 -1.80 -16.24
C ALA B 64 20.03 -1.13 -15.06
N ARG B 65 21.34 -0.92 -15.16
CA ARG B 65 22.07 -0.17 -14.11
C ARG B 65 21.59 1.24 -13.90
N GLY B 66 21.30 1.93 -14.99
CA GLY B 66 20.77 3.29 -14.87
C GLY B 66 19.36 3.32 -14.32
N ARG B 67 18.50 2.37 -14.69
CA ARG B 67 17.14 2.31 -14.12
C ARG B 67 17.31 2.06 -12.59
N PHE B 68 18.11 1.06 -12.22
CA PHE B 68 18.44 0.81 -10.79
C PHE B 68 18.95 2.06 -9.99
N ALA B 69 20.01 2.73 -10.47
CA ALA B 69 20.57 3.93 -9.82
C ALA B 69 19.52 4.99 -9.68
N THR B 70 18.81 5.29 -10.74
CA THR B 70 17.86 6.36 -10.59
C THR B 70 16.71 6.05 -9.63
N VAL B 71 16.17 4.83 -9.73
CA VAL B 71 15.06 4.48 -8.84
C VAL B 71 15.46 4.44 -7.34
N VAL B 72 16.60 3.84 -7.06
CA VAL B 72 17.11 3.74 -5.71
C VAL B 72 17.48 5.13 -5.10
N GLU B 73 18.05 6.04 -5.89
CA GLU B 73 18.28 7.43 -5.40
C GLU B 73 16.96 8.10 -5.03
N GLU B 74 15.95 8.00 -5.88
CA GLU B 74 14.66 8.59 -5.56
C GLU B 74 14.02 7.97 -4.36
N LEU B 75 14.12 6.63 -4.24
CA LEU B 75 13.47 5.89 -3.16
C LEU B 75 13.97 6.33 -1.77
N PHE B 76 15.26 6.64 -1.63
CA PHE B 76 15.84 7.03 -0.36
C PHE B 76 16.25 8.51 -0.25
N ARG B 77 15.77 9.29 -1.21
CA ARG B 77 16.07 10.72 -1.30
C ARG B 77 15.65 11.48 -0.03
N ASP B 78 14.42 11.23 0.44
CA ASP B 78 13.88 11.74 1.72
C ASP B 78 14.22 10.90 2.98
N GLY B 79 15.36 10.21 2.95
CA GLY B 79 15.75 9.33 4.03
C GLY B 79 15.23 7.89 3.96
N VAL B 80 15.61 7.11 4.96
CA VAL B 80 15.30 5.69 5.00
C VAL B 80 14.25 5.40 6.05
N ASN B 81 13.36 4.45 5.69
CA ASN B 81 12.54 3.74 6.67
C ASN B 81 12.39 2.25 6.26
N TRP B 82 11.97 1.39 7.19
CA TRP B 82 11.83 -0.04 6.86
C TRP B 82 10.94 -0.27 5.63
N GLY B 83 9.94 0.59 5.45
CA GLY B 83 8.98 0.40 4.35
C GLY B 83 9.59 0.68 2.98
N ARG B 84 10.51 1.63 2.96
CA ARG B 84 11.30 1.95 1.77
C ARG B 84 12.33 0.88 1.47
N ILE B 85 12.92 0.28 2.52
CA ILE B 85 13.75 -0.89 2.39
C ILE B 85 12.96 -2.11 1.81
N VAL B 86 11.75 -2.37 2.29
CA VAL B 86 10.86 -3.36 1.63
C VAL B 86 10.65 -3.07 0.12
N ALA B 87 10.39 -1.79 -0.19
CA ALA B 87 10.20 -1.27 -1.56
C ALA B 87 11.42 -1.52 -2.41
N PHE B 88 12.61 -1.31 -1.80
CA PHE B 88 13.91 -1.62 -2.44
C PHE B 88 14.07 -3.09 -2.84
N PHE B 89 13.72 -3.99 -1.93
CA PHE B 89 13.70 -5.40 -2.23
C PHE B 89 12.72 -5.78 -3.30
N GLU B 90 11.50 -5.22 -3.20
CA GLU B 90 10.46 -5.53 -4.17
C GLU B 90 10.77 -4.97 -5.58
N PHE B 91 11.44 -3.83 -5.64
CA PHE B 91 11.85 -3.29 -6.92
C PHE B 91 12.93 -4.16 -7.57
N GLY B 92 13.92 -4.52 -6.78
CA GLY B 92 14.98 -5.40 -7.24
C GLY B 92 14.37 -6.71 -7.71
N GLY B 93 13.44 -7.24 -6.95
CA GLY B 93 12.67 -8.43 -7.36
C GLY B 93 11.92 -8.33 -8.68
N VAL B 94 11.22 -7.23 -8.91
CA VAL B 94 10.53 -7.00 -10.17
C VAL B 94 11.56 -6.90 -11.33
N MET B 95 12.67 -6.20 -11.13
CA MET B 95 13.71 -6.13 -12.16
C MET B 95 14.28 -7.52 -12.51
N CYS B 96 14.46 -8.39 -11.52
CA CYS B 96 14.94 -9.73 -11.77
C CYS B 96 13.92 -10.53 -12.56
N VAL B 97 12.68 -10.46 -12.13
CA VAL B 97 11.56 -11.16 -12.75
C VAL B 97 11.29 -10.68 -14.20
N GLU B 98 11.36 -9.37 -14.40
CA GLU B 98 11.23 -8.79 -15.72
C GLU B 98 12.40 -9.14 -16.63
N SER B 99 13.59 -9.25 -16.08
CA SER B 99 14.74 -9.74 -16.85
C SER B 99 14.49 -11.14 -17.37
N VAL B 100 14.01 -12.02 -16.48
CA VAL B 100 13.75 -13.41 -16.86
C VAL B 100 12.66 -13.49 -17.90
N ASN B 101 11.61 -12.67 -17.72
CA ASN B 101 10.49 -12.64 -18.66
C ASN B 101 10.90 -12.21 -20.06
N ARG B 102 11.90 -11.34 -20.15
CA ARG B 102 12.39 -10.86 -21.44
C ARG B 102 13.56 -11.66 -22.00
N GLU B 103 13.84 -12.84 -21.42
CA GLU B 103 14.93 -13.69 -21.84
C GLU B 103 16.26 -13.00 -21.66
N MET B 104 16.37 -12.23 -20.58
CA MET B 104 17.59 -11.49 -20.25
C MET B 104 18.08 -11.84 -18.87
N SER B 105 17.93 -13.13 -18.51
CA SER B 105 18.23 -13.68 -17.18
C SER B 105 19.60 -13.41 -16.67
N PRO B 106 20.60 -13.36 -17.57
CA PRO B 106 21.90 -13.03 -16.97
C PRO B 106 21.93 -11.71 -16.12
N LEU B 107 21.05 -10.77 -16.45
CA LEU B 107 20.97 -9.52 -15.69
C LEU B 107 20.63 -9.73 -14.22
N VAL B 108 20.04 -10.88 -13.85
CA VAL B 108 19.64 -11.14 -12.48
C VAL B 108 20.87 -11.08 -11.58
N ASP B 109 21.99 -11.60 -12.06
CA ASP B 109 23.25 -11.57 -11.28
C ASP B 109 23.75 -10.17 -11.01
N ASN B 110 23.70 -9.31 -12.02
CA ASN B 110 24.05 -7.91 -11.82
C ASN B 110 23.14 -7.17 -10.82
N ILE B 111 21.82 -7.33 -10.96
CA ILE B 111 20.88 -6.75 -10.04
C ILE B 111 21.12 -7.21 -8.60
N ALA B 112 21.25 -8.52 -8.38
CA ALA B 112 21.65 -9.04 -7.06
C ALA B 112 22.85 -8.28 -6.48
N LEU B 113 23.95 -8.22 -7.22
CA LEU B 113 25.15 -7.51 -6.80
C LEU B 113 24.92 -6.01 -6.49
N TRP B 114 24.19 -5.28 -7.35
CA TRP B 114 23.82 -3.89 -7.04
C TRP B 114 23.02 -3.74 -5.73
N MET B 115 22.04 -4.62 -5.49
CA MET B 115 21.31 -4.62 -4.24
C MET B 115 22.23 -4.79 -3.06
N THR B 116 23.12 -5.77 -3.14
CA THR B 116 24.04 -6.08 -2.05
C THR B 116 24.98 -4.93 -1.72
N GLU B 117 25.57 -4.36 -2.78
CA GLU B 117 26.47 -3.22 -2.63
C GLU B 117 25.77 -2.07 -2.03
N TYR B 118 24.55 -1.79 -2.48
CA TYR B 118 23.82 -0.62 -2.00
C TYR B 118 23.43 -0.80 -0.51
N LEU B 119 23.07 -2.01 -0.13
CA LEU B 119 22.82 -2.28 1.29
C LEU B 119 24.07 -2.09 2.19
N ASN B 120 25.20 -2.61 1.74
CA ASN B 120 26.45 -2.58 2.51
C ASN B 120 27.09 -1.20 2.51
N ARG B 121 26.86 -0.45 1.44
CA ARG B 121 27.54 0.84 1.30
C ARG B 121 26.63 1.96 1.74
N HIS B 122 25.32 1.83 1.50
CA HIS B 122 24.42 2.95 1.76
C HIS B 122 23.30 2.76 2.80
N LEU B 123 22.87 1.54 3.06
CA LEU B 123 21.85 1.31 4.09
C LEU B 123 22.41 0.81 5.43
N HIS B 124 23.69 0.41 5.47
CA HIS B 124 24.24 -0.30 6.63
C HIS B 124 24.14 0.49 7.96
N THR B 125 24.56 1.76 7.96
CA THR B 125 24.50 2.62 9.14
C THR B 125 23.04 2.77 9.58
N TRP B 126 22.13 2.99 8.65
CA TRP B 126 20.78 3.19 9.09
C TRP B 126 20.26 1.90 9.71
N ILE B 127 20.51 0.78 9.05
CA ILE B 127 20.06 -0.54 9.53
C ILE B 127 20.62 -0.82 10.93
N GLN B 128 21.93 -0.65 11.08
CA GLN B 128 22.61 -0.91 12.36
C GLN B 128 22.06 0.00 13.48
N ASP B 129 21.78 1.28 13.16
CA ASP B 129 21.25 2.23 14.16
C ASP B 129 19.81 1.96 14.54
N ASN B 130 19.12 1.17 13.73
CA ASN B 130 17.79 0.71 14.09
C ASN B 130 17.80 -0.60 14.82
N GLY B 131 18.98 -1.13 15.11
CA GLY B 131 19.01 -2.40 15.81
C GLY B 131 19.26 -3.57 14.87
N GLY B 132 19.33 -3.31 13.56
CA GLY B 132 19.68 -4.41 12.65
C GLY B 132 18.46 -5.17 12.18
N TRP B 133 18.66 -6.25 11.43
CA TRP B 133 17.52 -7.08 10.98
C TRP B 133 16.66 -7.71 12.12
N ASP B 134 17.20 -7.90 13.33
CA ASP B 134 16.24 -8.27 14.40
C ASP B 134 15.09 -7.30 14.57
N ALA B 135 15.35 -5.99 14.42
CA ALA B 135 14.31 -4.99 14.55
C ALA B 135 13.27 -5.14 13.49
N PHE B 136 13.73 -5.52 12.29
CA PHE B 136 12.83 -5.87 11.20
C PHE B 136 11.94 -7.10 11.52
N VAL B 137 12.57 -8.17 12.00
CA VAL B 137 11.87 -9.40 12.35
C VAL B 137 10.81 -9.09 13.38
N GLU B 138 11.17 -8.31 14.39
CA GLU B 138 10.19 -7.89 15.40
C GLU B 138 9.06 -7.04 14.83
N LEU B 139 9.38 -6.08 13.98
CA LEU B 139 8.36 -5.16 13.46
C LEU B 139 7.38 -5.82 12.47
N TYR B 140 7.84 -6.83 11.75
CA TYR B 140 7.02 -7.47 10.72
C TYR B 140 6.64 -8.96 10.93
N GLY B 141 6.81 -9.60 12.09
CA GLY B 141 6.42 -9.09 13.41
C GLY B 141 4.91 -9.10 13.53
N PRO B 142 4.25 -10.12 12.94
CA PRO B 142 2.86 -10.00 12.43
C PRO B 142 1.80 -9.45 13.38
#